data_7P2X
#
_entry.id   7P2X
#
_cell.length_a   76.170
_cell.length_b   49.770
_cell.length_c   53.040
_cell.angle_alpha   90.000
_cell.angle_beta   102.110
_cell.angle_gamma   90.000
#
_symmetry.space_group_name_H-M   'C 1 2 1'
#
loop_
_entity.id
_entity.type
_entity.pdbx_description
1 polymer 'DNA gyrase subunit B'
2 non-polymer '(2Z)-2-[[4,5-bis(bromanyl)-1H-pyrrol-2-yl]carbonylimino]-3-(phenylmethyl)-1,3-benzothiazole-6-carboxylic acid'
3 non-polymer 'PHOSPHATE ION'
4 water water
#
_entity_poly.entity_id   1
_entity_poly.type   'polypeptide(L)'
_entity_poly.pdbx_seq_one_letter_code
;MSNSYDSSSIKVLKGLDAVRKRPGMYIGDTDDGTGLHHMVFEVVDNAIDEALAGHCKEIIVTIHADNSVSVQDDGRGIPT
GIHPEEGVSAAEVIMTVLHAGGKFDDNSYKVSGGLHGVGVSVVNALSQKLELVIQREGKIHRQIYEHGVPQAPLAVTGET
EKTGTMVRFWPSLETFTNVTEFEYEILAKRLRELSFLNSGVSIRLRDKRDGKEDHFHYEG
;
_entity_poly.pdbx_strand_id   A
#
# COMPACT_ATOMS: atom_id res chain seq x y z
N SER A 8 4.29 3.06 -23.59
CA SER A 8 3.61 2.53 -22.37
C SER A 8 4.67 2.00 -21.40
N SER A 9 5.46 1.01 -21.85
CA SER A 9 6.64 0.40 -21.18
C SER A 9 7.57 1.47 -20.59
N ILE A 10 7.78 2.56 -21.33
CA ILE A 10 8.85 3.58 -21.06
C ILE A 10 8.28 4.76 -20.25
N LYS A 11 6.99 5.07 -20.43
CA LYS A 11 6.29 6.16 -19.68
C LYS A 11 6.15 5.72 -18.23
N VAL A 12 5.71 4.46 -18.01
CA VAL A 12 5.62 3.83 -16.65
C VAL A 12 7.00 3.92 -15.96
N LEU A 13 8.07 3.45 -16.61
CA LEU A 13 9.43 3.52 -16.01
C LEU A 13 9.74 5.02 -15.77
N LYS A 14 9.26 5.93 -16.62
CA LYS A 14 9.58 7.38 -16.48
C LYS A 14 8.77 7.99 -15.34
N GLY A 15 7.48 7.67 -15.22
CA GLY A 15 6.59 8.23 -14.17
C GLY A 15 7.14 7.88 -12.81
N LEU A 16 7.55 6.62 -12.65
CA LEU A 16 8.18 6.16 -11.39
C LEU A 16 9.52 6.88 -11.20
N ASP A 17 10.26 7.11 -12.29
CA ASP A 17 11.57 7.76 -12.20
C ASP A 17 11.37 9.21 -11.73
N ALA A 18 10.33 9.88 -12.24
CA ALA A 18 9.97 11.27 -11.88
C ALA A 18 9.73 11.37 -10.36
N VAL A 19 9.12 10.35 -9.77
CA VAL A 19 8.82 10.33 -8.30
C VAL A 19 10.15 10.23 -7.52
N ARG A 20 11.06 9.37 -7.96
CA ARG A 20 12.37 9.21 -7.27
C ARG A 20 13.21 10.49 -7.45
N LYS A 21 13.07 11.18 -8.57
CA LYS A 21 13.81 12.43 -8.85
C LYS A 21 13.33 13.60 -7.95
N ARG A 22 12.03 13.70 -7.67
CA ARG A 22 11.48 14.81 -6.83
C ARG A 22 10.58 14.23 -5.75
N PRO A 23 11.12 13.41 -4.82
CA PRO A 23 10.29 12.64 -3.90
C PRO A 23 9.49 13.50 -2.90
N GLY A 24 10.11 14.58 -2.39
CA GLY A 24 9.46 15.54 -1.47
C GLY A 24 8.17 16.12 -2.06
N MET A 25 8.15 16.36 -3.36
CA MET A 25 6.97 16.91 -4.10
C MET A 25 5.81 15.91 -4.03
N TYR A 26 6.11 14.61 -3.85
CA TYR A 26 5.11 13.51 -3.95
C TYR A 26 4.70 12.97 -2.58
N ILE A 27 5.66 12.87 -1.64
CA ILE A 27 5.48 12.14 -0.35
C ILE A 27 5.89 12.98 0.86
N GLY A 28 6.50 14.16 0.68
CA GLY A 28 6.94 15.01 1.80
C GLY A 28 8.39 14.73 2.16
N ASP A 29 8.85 15.27 3.28
CA ASP A 29 10.27 15.29 3.70
C ASP A 29 10.79 13.85 3.85
N THR A 30 11.87 13.53 3.14
CA THR A 30 12.48 12.18 3.04
C THR A 30 13.56 11.98 4.10
N ASP A 31 13.77 12.98 4.96
CA ASP A 31 14.87 12.98 5.96
C ASP A 31 14.35 13.01 7.41
N ASP A 32 13.17 13.60 7.67
CA ASP A 32 12.72 13.83 9.07
C ASP A 32 11.65 12.82 9.45
N GLY A 33 11.35 11.81 8.62
CA GLY A 33 10.36 10.78 8.98
C GLY A 33 8.96 11.11 8.50
N THR A 34 8.70 12.34 8.05
CA THR A 34 7.39 12.78 7.49
C THR A 34 7.00 11.91 6.29
N GLY A 35 7.84 11.93 5.26
CA GLY A 35 7.65 11.13 4.04
C GLY A 35 7.52 9.67 4.39
N LEU A 36 8.39 9.16 5.26
CA LEU A 36 8.42 7.71 5.55
C LEU A 36 7.03 7.30 6.05
N HIS A 37 6.49 8.01 7.03
CA HIS A 37 5.17 7.66 7.61
C HIS A 37 4.05 8.00 6.62
N HIS A 38 4.20 9.05 5.78
CA HIS A 38 3.22 9.34 4.70
C HIS A 38 3.08 8.12 3.77
N MET A 39 4.16 7.38 3.52
CA MET A 39 4.07 6.15 2.68
C MET A 39 2.96 5.26 3.24
N VAL A 40 2.96 5.02 4.55
CA VAL A 40 1.91 4.20 5.22
C VAL A 40 0.56 4.89 5.03
N PHE A 41 0.51 6.20 5.25
CA PHE A 41 -0.79 6.93 5.22
C PHE A 41 -1.41 6.86 3.81
N GLU A 42 -0.60 6.97 2.77
CA GLU A 42 -1.10 6.87 1.39
C GLU A 42 -1.77 5.51 1.17
N VAL A 43 -1.17 4.42 1.64
CA VAL A 43 -1.78 3.08 1.39
C VAL A 43 -3.04 2.98 2.25
N VAL A 44 -2.97 3.41 3.51
CA VAL A 44 -4.14 3.42 4.43
C VAL A 44 -5.28 4.21 3.80
N ASP A 45 -5.01 5.35 3.18
CA ASP A 45 -6.09 6.18 2.57
C ASP A 45 -6.80 5.40 1.45
N ASN A 46 -6.05 4.64 0.67
CA ASN A 46 -6.64 3.75 -0.38
C ASN A 46 -7.53 2.70 0.31
N ALA A 47 -7.07 2.08 1.39
CA ALA A 47 -7.81 1.03 2.11
C ALA A 47 -9.07 1.64 2.75
N ILE A 48 -8.97 2.79 3.41
CA ILE A 48 -10.16 3.52 3.96
C ILE A 48 -11.17 3.80 2.84
N ASP A 49 -10.70 4.30 1.69
CA ASP A 49 -11.61 4.66 0.56
C ASP A 49 -12.37 3.40 0.14
N GLU A 50 -11.67 2.27 0.05
CA GLU A 50 -12.31 0.97 -0.26
C GLU A 50 -13.29 0.58 0.86
N ALA A 51 -12.86 0.68 2.13
CA ALA A 51 -13.67 0.29 3.31
C ALA A 51 -15.00 1.04 3.27
N LEU A 52 -14.93 2.32 2.92
CA LEU A 52 -16.11 3.23 2.88
C LEU A 52 -17.04 2.83 1.74
N ALA A 53 -16.49 2.27 0.65
CA ALA A 53 -17.29 1.81 -0.50
C ALA A 53 -18.20 0.64 -0.08
N GLY A 54 -17.93 -0.01 1.06
CA GLY A 54 -18.66 -1.22 1.49
C GLY A 54 -19.28 -1.10 2.87
N HIS A 55 -19.57 -2.22 3.51
CA HIS A 55 -20.23 -2.35 4.83
C HIS A 55 -19.34 -3.17 5.75
N CYS A 56 -19.17 -2.72 6.99
CA CYS A 56 -18.54 -3.46 8.11
C CYS A 56 -17.18 -4.00 7.66
N LYS A 57 -16.40 -3.12 7.02
CA LYS A 57 -15.07 -3.45 6.50
C LYS A 57 -14.03 -3.17 7.60
N GLU A 58 -12.89 -3.84 7.47
CA GLU A 58 -11.78 -3.82 8.41
C GLU A 58 -10.48 -3.61 7.64
N ILE A 59 -9.60 -2.83 8.24
CA ILE A 59 -8.24 -2.55 7.73
C ILE A 59 -7.27 -3.04 8.78
N ILE A 60 -6.22 -3.72 8.36
CA ILE A 60 -5.14 -4.16 9.27
C ILE A 60 -3.83 -3.55 8.78
N VAL A 61 -3.13 -2.87 9.69
CA VAL A 61 -1.82 -2.24 9.43
C VAL A 61 -0.82 -2.99 10.28
N THR A 62 0.20 -3.56 9.66
CA THR A 62 1.20 -4.37 10.39
C THR A 62 2.59 -3.80 10.15
N ILE A 63 3.28 -3.44 11.23
CA ILE A 63 4.75 -3.19 11.15
C ILE A 63 5.40 -4.57 11.30
N HIS A 64 6.04 -5.05 10.25
CA HIS A 64 6.77 -6.34 10.29
C HIS A 64 8.11 -6.16 11.00
N ALA A 65 8.75 -7.27 11.37
CA ALA A 65 9.99 -7.25 12.18
C ALA A 65 11.13 -6.70 11.31
N ASP A 66 10.97 -6.73 10.00
CA ASP A 66 12.01 -6.25 9.06
C ASP A 66 11.74 -4.80 8.63
N ASN A 67 10.88 -4.07 9.35
CA ASN A 67 10.62 -2.62 9.11
C ASN A 67 10.00 -2.41 7.72
N SER A 68 9.24 -3.39 7.22
CA SER A 68 8.28 -3.22 6.13
C SER A 68 6.92 -3.01 6.79
N VAL A 69 5.98 -2.43 6.05
CA VAL A 69 4.60 -2.27 6.56
C VAL A 69 3.62 -2.89 5.57
N SER A 70 2.63 -3.59 6.11
CA SER A 70 1.51 -4.10 5.31
CA SER A 70 1.49 -4.18 5.39
C SER A 70 0.25 -3.34 5.70
N VAL A 71 -0.56 -3.10 4.70
CA VAL A 71 -1.93 -2.55 4.85
C VAL A 71 -2.85 -3.51 4.10
N GLN A 72 -3.85 -4.05 4.80
CA GLN A 72 -4.77 -5.10 4.30
C GLN A 72 -6.19 -4.58 4.50
N ASP A 73 -7.02 -4.69 3.48
CA ASP A 73 -8.47 -4.50 3.66
C ASP A 73 -9.19 -5.80 3.29
N ASP A 74 -10.46 -5.88 3.66
CA ASP A 74 -11.34 -7.00 3.28
C ASP A 74 -12.40 -6.44 2.33
N GLY A 75 -11.99 -5.53 1.46
CA GLY A 75 -12.87 -4.94 0.42
C GLY A 75 -12.97 -5.82 -0.80
N ARG A 76 -13.21 -5.20 -1.95
CA ARG A 76 -13.61 -5.89 -3.20
C ARG A 76 -12.42 -6.59 -3.84
N GLY A 77 -11.22 -6.16 -3.50
CA GLY A 77 -9.98 -6.52 -4.23
C GLY A 77 -9.77 -5.63 -5.44
N ILE A 78 -8.53 -5.18 -5.62
CA ILE A 78 -8.21 -4.41 -6.85
C ILE A 78 -8.52 -5.29 -8.07
N PRO A 79 -9.21 -4.80 -9.12
CA PRO A 79 -9.48 -5.59 -10.31
C PRO A 79 -8.21 -6.19 -10.93
N THR A 80 -8.29 -7.42 -11.45
CA THR A 80 -7.11 -8.18 -11.94
C THR A 80 -7.15 -8.36 -13.46
N GLY A 81 -8.30 -8.09 -14.09
CA GLY A 81 -8.46 -8.26 -15.55
C GLY A 81 -7.49 -7.38 -16.29
N ILE A 82 -7.12 -7.76 -17.50
CA ILE A 82 -6.16 -6.98 -18.34
C ILE A 82 -6.80 -5.61 -18.61
N HIS A 83 -6.03 -4.55 -18.45
CA HIS A 83 -6.36 -3.17 -18.86
C HIS A 83 -5.87 -3.03 -20.30
N PRO A 84 -6.77 -2.86 -21.29
CA PRO A 84 -6.40 -2.94 -22.70
C PRO A 84 -5.31 -1.97 -23.19
N GLU A 85 -5.30 -0.71 -22.72
CA GLU A 85 -4.30 0.31 -23.14
C GLU A 85 -2.88 -0.21 -22.85
N GLU A 86 -2.69 -0.85 -21.69
CA GLU A 86 -1.32 -1.20 -21.22
C GLU A 86 -1.02 -2.68 -21.54
N GLY A 87 -2.06 -3.51 -21.69
CA GLY A 87 -1.93 -4.97 -21.93
C GLY A 87 -1.43 -5.72 -20.69
N VAL A 88 -1.64 -5.17 -19.50
CA VAL A 88 -1.28 -5.81 -18.20
C VAL A 88 -2.47 -5.64 -17.26
N SER A 89 -2.54 -6.43 -16.22
CA SER A 89 -3.61 -6.41 -15.18
C SER A 89 -3.90 -4.96 -14.75
N ALA A 90 -5.17 -4.64 -14.51
CA ALA A 90 -5.56 -3.34 -13.92
C ALA A 90 -4.76 -3.08 -12.64
N ALA A 91 -4.56 -4.11 -11.81
CA ALA A 91 -3.82 -3.99 -10.54
C ALA A 91 -2.41 -3.46 -10.84
N GLU A 92 -1.74 -4.02 -11.86
CA GLU A 92 -0.37 -3.56 -12.22
C GLU A 92 -0.45 -2.09 -12.66
N VAL A 93 -1.49 -1.72 -13.40
CA VAL A 93 -1.57 -0.30 -13.89
C VAL A 93 -1.67 0.64 -12.67
N ILE A 94 -2.55 0.33 -11.71
N ILE A 94 -2.55 0.39 -11.70
CA ILE A 94 -2.81 1.12 -10.47
CA ILE A 94 -2.69 1.30 -10.52
C ILE A 94 -1.52 1.23 -9.64
C ILE A 94 -1.37 1.33 -9.75
N MET A 95 -0.68 0.20 -9.63
CA MET A 95 0.57 0.14 -8.86
C MET A 95 1.73 0.88 -9.55
N THR A 96 1.66 1.07 -10.86
CA THR A 96 2.85 1.50 -11.63
C THR A 96 2.63 2.81 -12.40
N VAL A 97 1.38 3.14 -12.74
CA VAL A 97 1.09 4.33 -13.58
C VAL A 97 0.68 5.48 -12.66
N LEU A 98 1.50 6.52 -12.69
CA LEU A 98 1.44 7.69 -11.77
C LEU A 98 0.06 8.35 -11.86
N HIS A 99 -0.52 8.45 -13.06
CA HIS A 99 -1.79 9.20 -13.32
C HIS A 99 -3.03 8.33 -13.06
N ALA A 100 -2.86 7.01 -12.83
CA ALA A 100 -3.94 6.08 -12.45
C ALA A 100 -4.14 6.11 -10.93
N GLY A 117 -3.79 12.98 -2.30
CA GLY A 117 -4.11 11.93 -3.29
C GLY A 117 -3.10 11.87 -4.41
N VAL A 118 -1.90 11.33 -4.13
CA VAL A 118 -0.80 11.11 -5.13
C VAL A 118 -0.91 9.69 -5.72
N GLY A 119 -1.46 8.75 -4.95
CA GLY A 119 -1.73 7.37 -5.42
C GLY A 119 -0.69 6.37 -4.94
N VAL A 120 -1.07 5.10 -4.86
CA VAL A 120 -0.17 4.01 -4.36
C VAL A 120 1.04 3.84 -5.29
N SER A 121 1.01 4.30 -6.53
CA SER A 121 2.16 4.21 -7.46
C SER A 121 3.35 4.99 -6.89
N VAL A 122 3.11 6.05 -6.12
CA VAL A 122 4.22 6.82 -5.48
C VAL A 122 4.92 5.92 -4.46
N VAL A 123 4.15 5.26 -3.62
CA VAL A 123 4.69 4.34 -2.57
C VAL A 123 5.52 3.26 -3.30
N ASN A 124 4.97 2.69 -4.37
CA ASN A 124 5.67 1.63 -5.14
C ASN A 124 7.00 2.18 -5.69
N ALA A 125 7.00 3.37 -6.26
CA ALA A 125 8.20 3.99 -6.85
C ALA A 125 9.29 4.16 -5.80
N LEU A 126 8.91 4.44 -4.56
CA LEU A 126 9.85 4.78 -3.46
C LEU A 126 10.07 3.56 -2.55
N SER A 127 9.67 2.37 -2.99
CA SER A 127 9.83 1.10 -2.22
C SER A 127 10.90 0.24 -2.91
N GLN A 128 11.91 -0.17 -2.17
CA GLN A 128 12.90 -1.16 -2.63
C GLN A 128 12.13 -2.41 -3.11
N LYS A 129 11.11 -2.81 -2.36
CA LYS A 129 10.25 -3.96 -2.71
C LYS A 129 8.81 -3.65 -2.28
N LEU A 130 7.88 -4.15 -3.08
CA LEU A 130 6.45 -4.10 -2.73
C LEU A 130 5.81 -5.41 -3.15
N GLU A 131 5.00 -5.97 -2.26
CA GLU A 131 4.24 -7.20 -2.49
C GLU A 131 2.76 -6.82 -2.49
N LEU A 132 2.07 -7.22 -3.55
CA LEU A 132 0.61 -7.07 -3.71
C LEU A 132 -0.03 -8.46 -3.71
N VAL A 133 -1.02 -8.66 -2.85
CA VAL A 133 -1.87 -9.88 -2.85
C VAL A 133 -3.34 -9.44 -2.88
N ILE A 134 -4.03 -9.87 -3.93
CA ILE A 134 -5.47 -9.59 -4.11
C ILE A 134 -6.27 -10.87 -3.99
N GLN A 135 -7.36 -10.82 -3.22
CA GLN A 135 -8.36 -11.90 -3.10
C GLN A 135 -9.64 -11.38 -3.75
N ARG A 136 -10.06 -12.03 -4.83
CA ARG A 136 -11.16 -11.52 -5.66
C ARG A 136 -11.66 -12.64 -6.59
N GLU A 137 -12.99 -12.79 -6.67
CA GLU A 137 -13.67 -13.66 -7.66
C GLU A 137 -13.11 -15.09 -7.55
N GLY A 138 -12.90 -15.57 -6.33
CA GLY A 138 -12.58 -16.97 -6.02
C GLY A 138 -11.08 -17.26 -6.03
N LYS A 139 -10.24 -16.27 -6.36
CA LYS A 139 -8.78 -16.49 -6.58
C LYS A 139 -7.91 -15.52 -5.77
N ILE A 140 -6.74 -16.01 -5.36
CA ILE A 140 -5.63 -15.23 -4.74
C ILE A 140 -4.68 -14.88 -5.87
N HIS A 141 -4.30 -13.61 -5.98
CA HIS A 141 -3.40 -13.11 -7.04
C HIS A 141 -2.24 -12.44 -6.35
N ARG A 142 -1.04 -12.55 -6.90
CA ARG A 142 0.15 -11.97 -6.23
C ARG A 142 1.08 -11.38 -7.28
N GLN A 143 1.71 -10.27 -6.93
CA GLN A 143 2.73 -9.61 -7.78
C GLN A 143 3.77 -8.98 -6.87
N ILE A 144 5.04 -9.05 -7.27
CA ILE A 144 6.17 -8.41 -6.56
C ILE A 144 6.76 -7.33 -7.46
N TYR A 145 7.14 -6.22 -6.84
CA TYR A 145 7.82 -5.08 -7.49
CA TYR A 145 7.84 -5.11 -7.53
C TYR A 145 9.15 -4.82 -6.79
N GLU A 146 10.16 -4.39 -7.56
CA GLU A 146 11.43 -3.84 -7.02
C GLU A 146 11.58 -2.42 -7.57
N HIS A 147 11.60 -1.42 -6.70
CA HIS A 147 11.70 -0.01 -7.13
C HIS A 147 10.62 0.28 -8.19
N GLY A 148 9.43 -0.30 -8.03
CA GLY A 148 8.26 -0.06 -8.87
C GLY A 148 8.23 -0.95 -10.11
N VAL A 149 9.26 -1.76 -10.33
CA VAL A 149 9.33 -2.62 -11.56
C VAL A 149 8.71 -3.97 -11.21
N PRO A 150 7.67 -4.43 -11.94
CA PRO A 150 7.11 -5.76 -11.72
C PRO A 150 8.12 -6.88 -12.01
N GLN A 151 8.21 -7.88 -11.13
CA GLN A 151 9.14 -9.03 -11.36
C GLN A 151 8.50 -10.02 -12.34
N ALA A 152 7.18 -10.11 -12.36
CA ALA A 152 6.42 -11.01 -13.25
C ALA A 152 4.99 -10.48 -13.33
N PRO A 153 4.20 -10.88 -14.34
CA PRO A 153 2.80 -10.50 -14.39
C PRO A 153 2.10 -10.98 -13.13
N LEU A 154 1.09 -10.24 -12.71
CA LEU A 154 0.18 -10.73 -11.64
C LEU A 154 -0.23 -12.16 -11.96
N ALA A 155 -0.18 -13.04 -10.96
CA ALA A 155 -0.41 -14.50 -11.13
C ALA A 155 -1.37 -15.02 -10.06
N VAL A 156 -2.13 -16.05 -10.41
CA VAL A 156 -3.02 -16.78 -9.48
C VAL A 156 -2.14 -17.69 -8.63
N THR A 157 -2.29 -17.62 -7.31
CA THR A 157 -1.50 -18.47 -6.38
C THR A 157 -2.42 -19.44 -5.65
N GLY A 158 -3.73 -19.38 -5.89
CA GLY A 158 -4.67 -20.28 -5.22
C GLY A 158 -6.08 -19.75 -5.18
N GLU A 159 -6.89 -20.43 -4.38
CA GLU A 159 -8.36 -20.29 -4.34
C GLU A 159 -8.71 -19.68 -2.98
N THR A 160 -9.74 -18.86 -2.94
CA THR A 160 -10.24 -18.26 -1.68
C THR A 160 -11.67 -17.79 -1.90
N GLU A 161 -12.48 -17.75 -0.85
CA GLU A 161 -13.81 -17.10 -0.94
C GLU A 161 -13.72 -15.78 -0.19
N LYS A 162 -12.54 -15.41 0.32
CA LYS A 162 -12.31 -14.06 0.91
C LYS A 162 -12.13 -13.04 -0.21
N THR A 163 -12.31 -11.77 0.14
CA THR A 163 -12.02 -10.65 -0.78
C THR A 163 -11.16 -9.62 -0.05
N GLY A 164 -10.28 -8.99 -0.81
CA GLY A 164 -9.60 -7.77 -0.38
C GLY A 164 -8.23 -7.64 -0.97
N THR A 165 -7.48 -6.67 -0.46
CA THR A 165 -6.19 -6.21 -1.01
C THR A 165 -5.19 -6.11 0.13
N MET A 166 -3.99 -6.63 -0.09
CA MET A 166 -2.89 -6.50 0.87
CA MET A 166 -2.86 -6.53 0.87
C MET A 166 -1.68 -5.94 0.12
N VAL A 167 -1.14 -4.85 0.64
CA VAL A 167 0.09 -4.24 0.11
C VAL A 167 1.11 -4.27 1.24
N ARG A 168 2.29 -4.85 0.99
CA ARG A 168 3.43 -4.81 1.94
C ARG A 168 4.57 -4.10 1.23
N PHE A 169 5.21 -3.14 1.88
CA PHE A 169 6.25 -2.35 1.19
C PHE A 169 7.42 -2.15 2.14
N TRP A 170 8.60 -2.21 1.54
CA TRP A 170 9.91 -1.99 2.15
C TRP A 170 10.44 -0.68 1.62
N PRO A 171 10.41 0.42 2.41
CA PRO A 171 10.80 1.72 1.86
C PRO A 171 12.25 1.70 1.37
N SER A 172 12.51 2.37 0.25
CA SER A 172 13.87 2.51 -0.34
C SER A 172 14.73 3.47 0.49
N LEU A 173 15.86 3.00 0.97
CA LEU A 173 16.85 3.81 1.69
C LEU A 173 17.71 4.58 0.66
N GLU A 174 17.44 4.41 -0.64
CA GLU A 174 17.99 5.32 -1.70
C GLU A 174 17.19 6.63 -1.71
N THR A 175 16.01 6.63 -1.11
CA THR A 175 15.15 7.83 -0.96
C THR A 175 15.16 8.33 0.49
N PHE A 176 14.83 7.46 1.44
CA PHE A 176 14.57 7.83 2.85
C PHE A 176 15.88 7.78 3.63
N THR A 177 16.24 8.92 4.24
CA THR A 177 17.51 9.12 4.98
C THR A 177 17.18 9.49 6.41
N ASN A 178 18.08 9.16 7.35
CA ASN A 178 18.07 9.58 8.77
C ASN A 178 16.97 8.80 9.50
N VAL A 179 15.73 9.31 9.48
CA VAL A 179 14.55 8.62 10.07
C VAL A 179 14.07 7.57 9.05
N THR A 180 14.43 6.30 9.29
CA THR A 180 14.13 5.19 8.36
C THR A 180 13.36 4.06 9.07
N GLU A 181 13.17 4.14 10.39
CA GLU A 181 12.45 3.13 11.21
C GLU A 181 11.03 3.63 11.50
N PHE A 182 9.99 2.82 11.27
CA PHE A 182 8.59 3.21 11.54
C PHE A 182 8.38 3.37 13.06
N GLU A 183 7.62 4.39 13.44
CA GLU A 183 7.31 4.73 14.85
C GLU A 183 5.84 4.38 15.07
N TYR A 184 5.61 3.41 15.95
CA TYR A 184 4.27 2.88 16.27
C TYR A 184 3.31 4.05 16.58
N GLU A 185 3.74 4.96 17.45
CA GLU A 185 2.85 6.04 17.97
C GLU A 185 2.42 6.96 16.82
N ILE A 186 3.28 7.20 15.84
CA ILE A 186 2.93 8.07 14.68
C ILE A 186 1.80 7.39 13.88
N LEU A 187 1.91 6.09 13.62
CA LEU A 187 0.84 5.33 12.92
C LEU A 187 -0.42 5.25 13.80
N ALA A 188 -0.28 4.94 15.09
CA ALA A 188 -1.43 4.75 16.00
C ALA A 188 -2.25 6.05 16.05
N LYS A 189 -1.58 7.19 16.14
CA LYS A 189 -2.32 8.48 16.30
C LYS A 189 -3.14 8.77 15.04
N ARG A 190 -2.54 8.63 13.85
CA ARG A 190 -3.27 8.82 12.58
C ARG A 190 -4.41 7.80 12.48
N LEU A 191 -4.17 6.53 12.83
CA LEU A 191 -5.22 5.51 12.65
C LEU A 191 -6.36 5.78 13.64
N ARG A 192 -6.06 6.31 14.83
CA ARG A 192 -7.12 6.66 15.82
C ARG A 192 -7.95 7.81 15.23
N GLU A 193 -7.31 8.80 14.60
CA GLU A 193 -8.03 9.92 13.92
C GLU A 193 -8.94 9.33 12.85
N LEU A 194 -8.41 8.44 12.02
CA LEU A 194 -9.14 7.85 10.87
C LEU A 194 -10.31 6.99 11.36
N SER A 195 -10.14 6.27 12.48
CA SER A 195 -11.20 5.47 13.15
CA SER A 195 -11.20 5.47 13.15
C SER A 195 -12.34 6.42 13.55
N PHE A 196 -11.98 7.54 14.14
CA PHE A 196 -12.96 8.53 14.65
C PHE A 196 -13.74 9.13 13.47
N LEU A 197 -13.03 9.53 12.42
CA LEU A 197 -13.64 10.20 11.23
C LEU A 197 -14.36 9.20 10.33
N ASN A 198 -14.13 7.89 10.48
CA ASN A 198 -14.79 6.81 9.68
C ASN A 198 -15.34 5.77 10.68
N SER A 199 -16.44 6.10 11.36
CA SER A 199 -16.92 5.40 12.58
C SER A 199 -17.37 3.98 12.24
N GLY A 200 -17.64 3.69 10.97
CA GLY A 200 -18.07 2.37 10.50
C GLY A 200 -16.92 1.42 10.25
N VAL A 201 -15.67 1.90 10.21
CA VAL A 201 -14.49 1.10 9.78
C VAL A 201 -13.74 0.58 11.02
N SER A 202 -13.39 -0.71 11.03
CA SER A 202 -12.52 -1.30 12.08
C SER A 202 -11.07 -1.12 11.61
N ILE A 203 -10.19 -0.59 12.46
CA ILE A 203 -8.74 -0.47 12.13
C ILE A 203 -7.94 -1.22 13.18
N ARG A 204 -7.12 -2.16 12.73
CA ARG A 204 -6.17 -2.87 13.61
C ARG A 204 -4.76 -2.42 13.27
N LEU A 205 -3.95 -2.20 14.30
CA LEU A 205 -2.51 -1.91 14.18
C LEU A 205 -1.77 -2.99 14.96
N ARG A 206 -0.78 -3.60 14.33
CA ARG A 206 0.01 -4.70 14.92
C ARG A 206 1.49 -4.37 14.70
N ASP A 207 2.31 -4.46 15.74
CA ASP A 207 3.77 -4.28 15.65
C ASP A 207 4.41 -5.65 15.88
N LYS A 208 4.93 -6.29 14.83
CA LYS A 208 5.55 -7.64 14.98
C LYS A 208 6.93 -7.51 15.60
N ARG A 209 7.47 -6.29 15.75
CA ARG A 209 8.81 -6.06 16.37
C ARG A 209 8.72 -6.33 17.88
N ASP A 210 7.55 -6.14 18.50
CA ASP A 210 7.41 -6.29 19.98
C ASP A 210 6.06 -6.90 20.38
N GLY A 211 5.17 -7.24 19.44
CA GLY A 211 3.84 -7.81 19.73
C GLY A 211 2.78 -6.77 20.12
N LYS A 212 3.12 -5.47 20.18
CA LYS A 212 2.17 -4.35 20.45
C LYS A 212 1.01 -4.41 19.44
N GLU A 213 -0.23 -4.21 19.90
CA GLU A 213 -1.46 -4.35 19.06
C GLU A 213 -2.56 -3.42 19.58
N ASP A 214 -3.24 -2.71 18.67
CA ASP A 214 -4.36 -1.79 18.99
C ASP A 214 -5.50 -2.06 18.00
N HIS A 215 -6.72 -1.87 18.47
CA HIS A 215 -7.96 -1.99 17.66
C HIS A 215 -8.75 -0.70 17.85
N PHE A 216 -8.86 0.09 16.79
CA PHE A 216 -9.61 1.36 16.75
C PHE A 216 -10.93 1.11 16.00
N HIS A 217 -12.05 1.28 16.70
CA HIS A 217 -13.42 1.06 16.15
C HIS A 217 -14.40 1.89 16.98
N TYR A 218 -14.88 3.01 16.42
CA TYR A 218 -15.54 4.09 17.21
C TYR A 218 -16.74 3.57 18.03
#